data_4O8K
#
_entry.id   4O8K
#
_cell.length_a   95.940
_cell.length_b   95.940
_cell.length_c   109.200
_cell.angle_alpha   90.000
_cell.angle_beta   90.000
_cell.angle_gamma   90.000
#
_symmetry.space_group_name_H-M   'P 43 21 2'
#
loop_
_entity.id
_entity.type
_entity.pdbx_description
1 polymer 'Type III pantothenate kinase'
2 non-polymer 1,2-ETHANEDIOL
3 non-polymer 'CHLORIDE ION'
4 non-polymer 'PHOSPHATE ION'
5 water water
#
_entity_poly.entity_id   1
_entity_poly.type   'polypeptide(L)'
_entity_poly.pdbx_seq_one_letter_code
;(MSE)AHHHHHH(MSE)GTLEAQTQGPGS(MSE)SGVCLLIDAGNSRIKWALADTGRHFVTSGAFEHADDTPDWSTLPAP
RGAWISNVAGDAAAARIDALIDAHWPALPRTVVRACAAQCGVTNGYAEPARLGSDRWAGLIGAHAAFPGEHLLIATFGTA
TTLEALRADGRFTGGLIAPGWAL(MSE)(MSE)RSLG(MSE)HTAQLPTVSIDAATSLLDELAANDAHAPFAIDTPHALS
AGCLQAQAGLIERAWRDLEKAWKAPVRLVLSGGAADAIVRALTVPHTRHDTLVLTGLALIAHSA
;
_entity_poly.pdbx_strand_id   A,B
#
loop_
_chem_comp.id
_chem_comp.type
_chem_comp.name
_chem_comp.formula
CL non-polymer 'CHLORIDE ION' 'Cl -1'
EDO non-polymer 1,2-ETHANEDIOL 'C2 H6 O2'
PO4 non-polymer 'PHOSPHATE ION' 'O4 P -3'
#
# COMPACT_ATOMS: atom_id res chain seq x y z
N GLY A 24 -8.22 -10.12 44.64
CA GLY A 24 -7.32 -10.73 43.61
C GLY A 24 -7.47 -10.14 42.20
N VAL A 25 -8.68 -10.25 41.63
CA VAL A 25 -8.86 -10.08 40.17
C VAL A 25 -8.87 -8.65 39.68
N CYS A 26 -8.32 -8.45 38.49
CA CYS A 26 -8.19 -7.16 37.83
C CYS A 26 -9.01 -7.15 36.55
N LEU A 27 -9.80 -6.09 36.36
CA LEU A 27 -10.55 -5.94 35.10
C LEU A 27 -9.68 -5.20 34.09
N LEU A 28 -9.59 -5.76 32.87
CA LEU A 28 -8.70 -5.22 31.83
C LEU A 28 -9.59 -4.85 30.66
N ILE A 29 -9.46 -3.62 30.18
CA ILE A 29 -10.29 -3.10 29.10
CA ILE A 29 -10.28 -3.12 29.08
C ILE A 29 -9.37 -2.62 27.96
N ASP A 30 -9.59 -3.16 26.76
CA ASP A 30 -8.84 -2.84 25.55
C ASP A 30 -9.86 -2.29 24.57
N ALA A 31 -9.99 -0.97 24.58
CA ALA A 31 -10.93 -0.24 23.73
C ALA A 31 -10.23 0.34 22.49
N GLY A 32 -10.70 -0.08 21.32
CA GLY A 32 -10.19 0.41 20.04
C GLY A 32 -11.30 1.00 19.20
N ASN A 33 -11.02 1.30 17.95
CA ASN A 33 -12.00 2.04 17.10
C ASN A 33 -13.49 1.79 17.41
N SER A 34 -13.99 0.57 17.16
CA SER A 34 -15.43 0.26 17.43
C SER A 34 -15.73 -0.76 18.58
N ARG A 35 -14.68 -1.49 19.06
CA ARG A 35 -14.83 -2.73 19.83
C ARG A 35 -14.13 -2.54 21.13
N ILE A 36 -14.75 -3.00 22.21
CA ILE A 36 -14.06 -3.13 23.48
C ILE A 36 -13.87 -4.61 23.73
N LYS A 37 -12.63 -5.01 23.91
CA LYS A 37 -12.29 -6.33 24.37
C LYS A 37 -11.94 -6.24 25.85
N TRP A 38 -12.29 -7.25 26.62
CA TRP A 38 -12.09 -7.16 28.05
C TRP A 38 -11.72 -8.51 28.62
N ALA A 39 -11.09 -8.48 29.78
CA ALA A 39 -10.77 -9.72 30.47
C ALA A 39 -10.80 -9.44 31.95
N LEU A 40 -11.04 -10.50 32.70
CA LEU A 40 -10.83 -10.47 34.11
C LEU A 40 -9.67 -11.41 34.43
N ALA A 41 -8.61 -10.88 35.01
CA ALA A 41 -7.36 -11.62 35.19
C ALA A 41 -7.01 -11.73 36.64
N ASP A 42 -6.68 -12.92 37.09
CA ASP A 42 -6.23 -13.06 38.47
C ASP A 42 -4.71 -13.11 38.58
N THR A 43 -4.01 -13.27 37.46
CA THR A 43 -2.56 -13.08 37.41
C THR A 43 -2.13 -12.30 36.19
N GLY A 44 -0.84 -12.06 36.09
CA GLY A 44 -0.28 -11.45 34.89
C GLY A 44 -0.51 -12.15 33.55
N ARG A 45 -0.74 -13.46 33.61
CA ARG A 45 -0.94 -14.24 32.41
C ARG A 45 -2.21 -15.06 32.34
N HIS A 46 -3.03 -15.06 33.40
CA HIS A 46 -4.17 -15.92 33.43
C HIS A 46 -5.47 -15.15 33.49
N PHE A 47 -6.40 -15.47 32.58
CA PHE A 47 -7.73 -14.84 32.51
C PHE A 47 -8.76 -15.82 33.08
N VAL A 48 -9.57 -15.32 34.02
CA VAL A 48 -10.71 -16.04 34.54
C VAL A 48 -11.79 -16.11 33.48
N THR A 49 -12.03 -15.00 32.82
CA THR A 49 -12.93 -14.98 31.69
C THR A 49 -12.62 -13.76 30.85
N SER A 50 -13.23 -13.69 29.68
CA SER A 50 -13.04 -12.57 28.80
C SER A 50 -14.21 -12.44 27.83
N GLY A 51 -14.25 -11.33 27.11
CA GLY A 51 -15.26 -11.15 26.10
C GLY A 51 -15.01 -9.90 25.29
N ALA A 52 -16.04 -9.53 24.52
CA ALA A 52 -15.96 -8.36 23.68
C ALA A 52 -17.31 -7.85 23.29
N PHE A 53 -17.38 -6.55 23.02
CA PHE A 53 -18.63 -5.93 22.61
C PHE A 53 -18.39 -4.63 21.84
N GLU A 54 -19.38 -4.24 21.03
CA GLU A 54 -19.35 -2.95 20.30
C GLU A 54 -19.67 -1.81 21.26
N HIS A 55 -18.84 -0.76 21.37
CA HIS A 55 -19.06 0.24 22.45
C HIS A 55 -20.28 1.13 22.22
N ALA A 56 -20.70 1.32 20.97
CA ALA A 56 -21.82 2.24 20.69
C ALA A 56 -23.17 1.65 21.12
N ASP A 57 -23.30 0.33 21.11
CA ASP A 57 -24.60 -0.30 21.31
C ASP A 57 -24.66 -1.15 22.57
N ASP A 58 -23.65 -1.99 22.77
CA ASP A 58 -23.77 -3.13 23.67
C ASP A 58 -23.44 -2.84 25.10
N THR A 59 -23.92 -3.72 25.97
CA THR A 59 -23.53 -3.78 27.36
C THR A 59 -22.93 -5.17 27.57
N PRO A 60 -21.76 -5.27 28.22
CA PRO A 60 -21.23 -6.59 28.56
C PRO A 60 -22.04 -7.26 29.70
N ASP A 61 -22.03 -8.58 29.76
CA ASP A 61 -22.61 -9.32 30.92
C ASP A 61 -21.56 -9.39 32.03
N TRP A 62 -21.53 -8.36 32.87
CA TRP A 62 -20.65 -8.27 34.04
C TRP A 62 -21.36 -8.47 35.39
N SER A 63 -22.68 -8.64 35.37
CA SER A 63 -23.47 -8.93 36.59
C SER A 63 -23.01 -10.22 37.27
N THR A 64 -22.50 -11.14 36.47
CA THR A 64 -22.04 -12.44 36.90
C THR A 64 -20.60 -12.46 37.52
N LEU A 65 -19.76 -11.46 37.20
CA LEU A 65 -18.33 -11.49 37.56
C LEU A 65 -18.04 -11.30 39.03
N PRO A 66 -16.95 -11.90 39.54
CA PRO A 66 -16.50 -11.53 40.89
C PRO A 66 -15.99 -10.11 40.88
N ALA A 67 -16.19 -9.39 41.97
CA ALA A 67 -15.80 -7.99 42.01
C ALA A 67 -14.28 -7.86 41.83
N PRO A 68 -13.86 -6.99 40.90
CA PRO A 68 -12.44 -6.74 40.71
C PRO A 68 -11.87 -5.76 41.73
N ARG A 69 -10.56 -5.81 41.92
CA ARG A 69 -9.82 -4.91 42.78
C ARG A 69 -9.63 -3.52 42.14
N GLY A 70 -9.66 -3.51 40.81
CA GLY A 70 -9.33 -2.30 40.03
C GLY A 70 -9.50 -2.60 38.56
N ALA A 71 -9.51 -1.56 37.74
CA ALA A 71 -9.53 -1.70 36.31
C ALA A 71 -8.32 -1.02 35.66
N TRP A 72 -7.82 -1.63 34.62
CA TRP A 72 -6.75 -1.08 33.79
C TRP A 72 -7.25 -0.96 32.38
N ILE A 73 -7.18 0.27 31.86
CA ILE A 73 -7.85 0.65 30.62
C ILE A 73 -6.87 1.15 29.58
N SER A 74 -6.85 0.52 28.40
CA SER A 74 -6.25 1.12 27.22
C SER A 74 -7.38 1.57 26.34
N ASN A 75 -7.43 2.85 26.06
CA ASN A 75 -8.48 3.42 25.20
C ASN A 75 -7.93 4.36 24.17
N VAL A 76 -8.02 3.93 22.92
CA VAL A 76 -7.63 4.77 21.81
C VAL A 76 -8.83 5.18 20.99
N ALA A 77 -10.02 5.00 21.56
CA ALA A 77 -11.30 5.26 20.86
C ALA A 77 -11.90 6.63 21.11
N GLY A 78 -11.33 7.42 22.01
CA GLY A 78 -11.74 8.80 22.27
C GLY A 78 -12.58 8.97 23.53
N ASP A 79 -13.03 10.20 23.75
CA ASP A 79 -13.61 10.57 25.03
C ASP A 79 -15.00 9.99 25.27
N ALA A 80 -15.79 9.82 24.22
CA ALA A 80 -17.11 9.23 24.41
C ALA A 80 -16.93 7.79 24.91
N ALA A 81 -15.99 7.06 24.32
CA ALA A 81 -15.70 5.72 24.76
C ALA A 81 -15.17 5.75 26.20
N ALA A 82 -14.36 6.74 26.57
CA ALA A 82 -13.92 6.88 27.95
C ALA A 82 -15.09 7.03 28.94
N ALA A 83 -16.05 7.87 28.56
CA ALA A 83 -17.25 8.09 29.40
C ALA A 83 -18.07 6.79 29.50
N ARG A 84 -18.18 6.09 28.39
CA ARG A 84 -18.91 4.80 28.40
C ARG A 84 -18.29 3.76 29.29
N ILE A 85 -16.95 3.65 29.20
CA ILE A 85 -16.22 2.70 30.03
C ILE A 85 -16.42 3.02 31.49
N ASP A 86 -16.29 4.30 31.88
CA ASP A 86 -16.53 4.72 33.24
C ASP A 86 -17.96 4.42 33.70
N ALA A 87 -18.93 4.65 32.83
CA ALA A 87 -20.32 4.39 33.16
C ALA A 87 -20.52 2.89 33.45
N LEU A 88 -19.93 2.03 32.63
CA LEU A 88 -20.07 0.57 32.80
C LEU A 88 -19.40 0.13 34.07
N ILE A 89 -18.21 0.66 34.34
CA ILE A 89 -17.50 0.31 35.55
C ILE A 89 -18.30 0.71 36.80
N ASP A 90 -18.74 1.97 36.85
CA ASP A 90 -19.40 2.48 38.03
C ASP A 90 -20.81 1.96 38.23
N ALA A 91 -21.45 1.51 37.17
CA ALA A 91 -22.77 0.89 37.31
C ALA A 91 -22.64 -0.43 38.03
N HIS A 92 -21.50 -1.10 37.91
CA HIS A 92 -21.30 -2.41 38.54
C HIS A 92 -20.55 -2.36 39.85
N TRP A 93 -19.49 -1.53 39.92
CA TRP A 93 -18.61 -1.43 41.07
C TRP A 93 -18.33 0.05 41.28
N PRO A 94 -19.25 0.73 41.94
CA PRO A 94 -19.13 2.18 42.09
C PRO A 94 -17.82 2.57 42.71
N ALA A 95 -17.17 3.54 42.08
CA ALA A 95 -15.91 4.10 42.58
C ALA A 95 -14.74 3.14 42.53
N LEU A 96 -14.82 2.09 41.70
CA LEU A 96 -13.70 1.18 41.51
C LEU A 96 -12.43 1.95 41.13
N PRO A 97 -11.29 1.63 41.77
CA PRO A 97 -10.03 2.19 41.30
C PRO A 97 -9.75 1.82 39.86
N ARG A 98 -9.26 2.80 39.09
CA ARG A 98 -8.92 2.52 37.70
C ARG A 98 -7.69 3.28 37.26
N THR A 99 -7.02 2.71 36.28
CA THR A 99 -5.79 3.25 35.74
C THR A 99 -5.93 3.33 34.24
N VAL A 100 -5.80 4.54 33.68
CA VAL A 100 -5.79 4.75 32.24
C VAL A 100 -4.34 4.55 31.83
N VAL A 101 -4.12 3.48 31.12
CA VAL A 101 -2.77 3.10 30.70
C VAL A 101 -2.25 4.06 29.62
N ARG A 102 -0.97 4.44 29.75
CA ARG A 102 -0.28 5.22 28.71
C ARG A 102 1.11 4.69 28.48
N ALA A 103 1.64 4.86 27.28
CA ALA A 103 3.06 4.58 27.05
C ALA A 103 3.95 5.45 27.94
N CYS A 104 5.09 4.88 28.34
CA CYS A 104 6.07 5.57 29.12
C CYS A 104 7.47 5.12 28.73
N ALA A 105 8.50 5.54 29.49
CA ALA A 105 9.86 5.23 29.07
C ALA A 105 10.27 3.76 29.15
N ALA A 106 9.73 3.08 30.13
CA ALA A 106 10.11 1.71 30.43
C ALA A 106 9.08 1.11 31.35
N GLN A 107 8.69 -0.13 31.08
CA GLN A 107 7.75 -0.82 31.94
C GLN A 107 7.69 -2.30 31.60
N CYS A 108 7.57 -3.14 32.63
CA CYS A 108 7.38 -4.57 32.43
C CYS A 108 8.38 -5.20 31.46
N GLY A 109 9.64 -4.82 31.59
CA GLY A 109 10.68 -5.39 30.76
C GLY A 109 10.91 -4.78 29.41
N VAL A 110 10.04 -3.85 29.01
CA VAL A 110 10.15 -3.17 27.73
C VAL A 110 10.72 -1.76 27.91
N THR A 111 11.60 -1.36 27.02
CA THR A 111 12.12 -0.02 27.01
C THR A 111 11.63 0.65 25.74
N ASN A 112 11.10 1.85 25.87
CA ASN A 112 10.49 2.56 24.77
C ASN A 112 11.50 3.39 23.99
N GLY A 113 11.76 2.99 22.74
CA GLY A 113 12.65 3.73 21.87
C GLY A 113 12.12 4.94 21.16
N TYR A 114 10.82 5.22 21.28
CA TYR A 114 10.29 6.42 20.68
C TYR A 114 11.02 7.66 21.22
N ALA A 115 11.26 8.61 20.34
CA ALA A 115 11.91 9.87 20.73
C ALA A 115 11.20 10.54 21.89
N GLU A 116 9.89 10.50 21.86
CA GLU A 116 9.03 10.96 22.96
CA GLU A 116 9.02 10.95 22.95
C GLU A 116 8.13 9.78 23.33
N PRO A 117 8.59 8.99 24.30
CA PRO A 117 7.86 7.74 24.65
C PRO A 117 6.35 7.88 24.77
N ALA A 118 5.90 8.95 25.42
CA ALA A 118 4.48 9.13 25.66
C ALA A 118 3.65 9.34 24.39
N ARG A 119 4.30 9.57 23.26
CA ARG A 119 3.57 9.70 22.00
C ARG A 119 3.17 8.36 21.37
N LEU A 120 3.68 7.27 21.90
CA LEU A 120 3.30 5.96 21.41
C LEU A 120 1.88 5.65 21.91
N GLY A 121 1.06 5.04 21.08
CA GLY A 121 -0.29 4.69 21.53
C GLY A 121 -0.33 3.68 22.68
N SER A 122 -1.30 3.83 23.57
CA SER A 122 -1.40 2.90 24.71
C SER A 122 -1.62 1.44 24.34
N ASP A 123 -2.42 1.19 23.28
CA ASP A 123 -2.62 -0.14 22.79
C ASP A 123 -1.32 -0.77 22.32
N ARG A 124 -0.51 0.00 21.62
CA ARG A 124 0.77 -0.46 21.14
C ARG A 124 1.72 -0.77 22.31
N TRP A 125 1.74 0.12 23.31
CA TRP A 125 2.58 -0.12 24.51
C TRP A 125 2.19 -1.42 25.25
N ALA A 126 0.88 -1.58 25.53
CA ALA A 126 0.39 -2.79 26.21
C ALA A 126 0.77 -4.03 25.35
N GLY A 127 0.60 -3.93 24.02
CA GLY A 127 0.89 -5.02 23.11
C GLY A 127 2.37 -5.41 23.09
N LEU A 128 3.26 -4.42 23.18
CA LEU A 128 4.70 -4.70 23.27
C LEU A 128 5.04 -5.45 24.57
N ILE A 129 4.44 -5.00 25.66
CA ILE A 129 4.63 -5.66 26.93
C ILE A 129 4.10 -7.10 26.89
N GLY A 130 2.94 -7.29 26.27
CA GLY A 130 2.42 -8.67 26.17
C GLY A 130 3.28 -9.57 25.32
N ALA A 131 3.82 -9.01 24.23
CA ALA A 131 4.66 -9.81 23.33
C ALA A 131 5.98 -10.20 24.00
N HIS A 132 6.57 -9.27 24.70
CA HIS A 132 7.82 -9.50 25.44
C HIS A 132 7.65 -10.68 26.38
N ALA A 133 6.54 -10.71 27.08
CA ALA A 133 6.26 -11.81 27.97
C ALA A 133 5.90 -13.12 27.26
N ALA A 134 5.13 -13.04 26.19
CA ALA A 134 4.63 -14.21 25.52
C ALA A 134 5.74 -14.97 24.79
N PHE A 135 6.76 -14.25 24.35
CA PHE A 135 7.85 -14.80 23.55
C PHE A 135 9.21 -14.46 24.15
N PRO A 136 9.48 -14.97 25.34
CA PRO A 136 10.70 -14.60 26.03
C PRO A 136 11.97 -15.03 25.26
N GLY A 137 12.97 -14.17 25.29
CA GLY A 137 14.25 -14.50 24.68
C GLY A 137 14.29 -14.33 23.17
N GLU A 138 13.24 -13.77 22.59
CA GLU A 138 13.11 -13.70 21.15
C GLU A 138 13.02 -12.26 20.63
N HIS A 139 13.72 -12.01 19.53
CA HIS A 139 13.49 -10.82 18.73
C HIS A 139 12.17 -10.99 17.98
N LEU A 140 11.39 -9.93 17.94
CA LEU A 140 10.06 -9.96 17.34
C LEU A 140 9.85 -8.84 16.32
N LEU A 141 9.04 -9.15 15.32
CA LEU A 141 8.42 -8.16 14.46
C LEU A 141 6.94 -8.34 14.62
N ILE A 142 6.26 -7.34 15.18
CA ILE A 142 4.85 -7.46 15.51
C ILE A 142 4.07 -6.71 14.47
N ALA A 143 3.19 -7.41 13.78
CA ALA A 143 2.36 -6.81 12.76
C ALA A 143 0.93 -6.77 13.26
N THR A 144 0.34 -5.58 13.35
CA THR A 144 -1.03 -5.46 13.78
C THR A 144 -1.84 -4.99 12.60
N PHE A 145 -2.91 -5.72 12.32
CA PHE A 145 -3.81 -5.39 11.20
C PHE A 145 -5.01 -4.63 11.68
N GLY A 146 -5.03 -3.36 11.44
CA GLY A 146 -6.21 -2.58 11.71
C GLY A 146 -6.51 -1.74 10.49
N THR A 147 -7.10 -0.57 10.72
CA THR A 147 -7.29 0.39 9.63
C THR A 147 -5.96 0.70 8.95
N ALA A 148 -4.94 0.82 9.78
CA ALA A 148 -3.56 0.84 9.34
C ALA A 148 -2.92 -0.51 9.64
N THR A 149 -1.89 -0.84 8.87
CA THR A 149 -1.04 -1.98 9.20
C THR A 149 0.18 -1.42 9.90
N THR A 150 0.37 -1.82 11.15
CA THR A 150 1.46 -1.31 11.97
CA THR A 150 1.48 -1.31 11.96
C THR A 150 2.50 -2.41 12.20
N LEU A 151 3.78 -2.07 12.07
CA LEU A 151 4.89 -3.02 12.31
C LEU A 151 5.75 -2.45 13.40
N GLU A 152 6.03 -3.24 14.42
CA GLU A 152 6.93 -2.82 15.48
C GLU A 152 8.07 -3.81 15.70
N ALA A 153 9.24 -3.26 15.85
CA ALA A 153 10.46 -4.07 16.06
C ALA A 153 10.78 -4.11 17.54
N LEU A 154 10.81 -5.29 18.13
CA LEU A 154 11.04 -5.45 19.55
C LEU A 154 12.20 -6.43 19.75
N ARG A 155 13.26 -5.93 20.32
CA ARG A 155 14.41 -6.77 20.61
CA ARG A 155 14.42 -6.79 20.59
C ARG A 155 14.16 -7.76 21.75
N ALA A 156 14.88 -8.88 21.76
CA ALA A 156 14.79 -9.86 22.83
C ALA A 156 15.09 -9.26 24.21
N ASP A 157 15.92 -8.21 24.27
CA ASP A 157 16.24 -7.57 25.56
C ASP A 157 15.17 -6.61 26.03
N GLY A 158 14.11 -6.48 25.23
CA GLY A 158 12.98 -5.65 25.55
C GLY A 158 12.98 -4.24 24.96
N ARG A 159 14.01 -3.92 24.18
CA ARG A 159 14.03 -2.59 23.53
C ARG A 159 13.09 -2.57 22.32
N PHE A 160 12.08 -1.75 22.43
CA PHE A 160 11.25 -1.37 21.29
C PHE A 160 12.00 -0.32 20.47
N THR A 161 12.50 -0.72 19.30
CA THR A 161 13.39 0.11 18.56
C THR A 161 12.73 1.03 17.56
N GLY A 162 11.48 0.80 17.23
CA GLY A 162 10.76 1.67 16.32
C GLY A 162 9.68 0.96 15.54
N GLY A 163 9.02 1.74 14.68
CA GLY A 163 7.82 1.29 13.98
C GLY A 163 7.75 1.72 12.55
N LEU A 164 6.81 1.09 11.86
CA LEU A 164 6.42 1.46 10.52
C LEU A 164 4.92 1.44 10.51
N ILE A 165 4.31 2.36 9.76
CA ILE A 165 2.87 2.35 9.60
C ILE A 165 2.52 2.53 8.11
N ALA A 166 1.61 1.69 7.62
CA ALA A 166 1.12 1.79 6.26
C ALA A 166 -0.40 1.64 6.27
N PRO A 167 -1.07 2.10 5.22
CA PRO A 167 -2.51 1.84 5.19
C PRO A 167 -2.79 0.36 5.13
N GLY A 168 -3.89 -0.05 5.75
CA GLY A 168 -4.35 -1.46 5.63
C GLY A 168 -4.98 -1.70 4.23
N TRP A 169 -5.35 -2.94 3.97
CA TRP A 169 -5.85 -3.31 2.65
C TRP A 169 -7.14 -2.55 2.29
N ALA A 170 -8.11 -2.48 3.19
CA ALA A 170 -9.35 -1.80 2.90
C ALA A 170 -9.14 -0.31 2.70
N LEU A 171 -8.23 0.28 3.47
CA LEU A 171 -7.97 1.69 3.32
C LEU A 171 -7.32 1.98 1.94
N MSE A 172 -6.39 1.14 1.54
CA MSE A 172 -5.79 1.26 0.20
C MSE A 172 -6.87 1.14 -0.86
O MSE A 172 -6.90 1.89 -1.85
CB MSE A 172 -4.70 0.18 -0.02
CG MSE A 172 -3.45 0.39 0.84
SE MSE A 172 -2.17 -0.97 0.26
CE MSE A 172 -0.69 -0.48 1.47
N MSE A 173 -7.74 0.16 -0.70
CA MSE A 173 -8.85 -0.07 -1.69
C MSE A 173 -9.83 1.08 -1.75
O MSE A 173 -10.40 1.36 -2.81
CB MSE A 173 -9.59 -1.35 -1.44
CG MSE A 173 -8.70 -2.55 -1.68
SE MSE A 173 -8.42 -2.78 -3.63
CE MSE A 173 -10.25 -3.30 -4.07
N ARG A 174 -10.09 1.72 -0.61
CA ARG A 174 -10.90 2.94 -0.61
C ARG A 174 -10.20 4.05 -1.38
N SER A 175 -8.91 4.24 -1.16
CA SER A 175 -8.15 5.23 -1.94
C SER A 175 -8.31 5.03 -3.42
N LEU A 176 -8.20 3.78 -3.85
CA LEU A 176 -8.22 3.52 -5.28
C LEU A 176 -9.63 3.44 -5.81
N GLY A 177 -10.51 2.76 -5.10
CA GLY A 177 -11.85 2.46 -5.63
C GLY A 177 -12.86 3.59 -5.48
N MSE A 178 -12.64 4.46 -4.49
CA MSE A 178 -13.54 5.58 -4.21
C MSE A 178 -12.95 6.93 -4.32
O MSE A 178 -13.71 7.89 -4.53
CB MSE A 178 -14.14 5.43 -2.83
CG MSE A 178 -14.90 4.11 -2.68
SE MSE A 178 -16.59 4.18 -3.67
CE MSE A 178 -17.67 5.00 -2.25
N HIS A 179 -11.63 7.05 -4.22
CA HIS A 179 -11.01 8.40 -4.24
C HIS A 179 -10.15 8.68 -5.46
N THR A 180 -10.07 7.76 -6.41
CA THR A 180 -9.23 8.01 -7.59
C THR A 180 -10.11 8.07 -8.83
N ALA A 181 -10.28 9.28 -9.36
CA ALA A 181 -11.17 9.56 -10.49
C ALA A 181 -10.86 8.65 -11.69
N GLN A 182 -9.57 8.44 -11.92
CA GLN A 182 -9.19 7.78 -13.17
C GLN A 182 -9.31 6.26 -13.13
N LEU A 183 -9.69 5.70 -11.99
CA LEU A 183 -9.83 4.24 -11.84
C LEU A 183 -11.31 3.91 -11.70
N PRO A 184 -11.70 2.68 -12.02
CA PRO A 184 -13.13 2.34 -11.91
C PRO A 184 -13.57 2.32 -10.45
N THR A 185 -14.84 2.62 -10.22
CA THR A 185 -15.37 2.65 -8.89
C THR A 185 -15.41 1.22 -8.34
N VAL A 186 -14.85 1.05 -7.15
CA VAL A 186 -14.95 -0.19 -6.37
C VAL A 186 -15.37 0.21 -4.97
N SER A 187 -16.63 -0.06 -4.63
CA SER A 187 -17.14 0.33 -3.35
C SER A 187 -16.51 -0.44 -2.19
N ILE A 188 -16.74 0.06 -0.99
CA ILE A 188 -16.24 -0.58 0.22
CA ILE A 188 -16.27 -0.58 0.24
C ILE A 188 -16.76 -2.02 0.23
N ASP A 189 -18.03 -2.20 -0.09
CA ASP A 189 -18.63 -3.52 -0.12
C ASP A 189 -18.12 -4.45 -1.25
N ALA A 190 -17.88 -3.90 -2.45
CA ALA A 190 -17.28 -4.63 -3.53
C ALA A 190 -15.85 -5.07 -3.20
N ALA A 191 -15.12 -4.19 -2.54
CA ALA A 191 -13.78 -4.60 -2.03
C ALA A 191 -13.88 -5.81 -1.12
N THR A 192 -14.89 -5.83 -0.23
CA THR A 192 -15.11 -7.05 0.58
C THR A 192 -15.24 -8.30 -0.24
N SER A 193 -16.00 -8.23 -1.33
CA SER A 193 -16.12 -9.38 -2.22
C SER A 193 -14.78 -9.81 -2.77
N LEU A 194 -14.01 -8.85 -3.25
CA LEU A 194 -12.69 -9.14 -3.81
C LEU A 194 -11.74 -9.76 -2.76
N LEU A 195 -11.86 -9.32 -1.52
CA LEU A 195 -11.02 -9.82 -0.43
C LEU A 195 -11.41 -11.27 -0.10
N ASP A 196 -12.71 -11.53 -0.07
CA ASP A 196 -13.21 -12.90 0.15
C ASP A 196 -12.76 -13.83 -0.98
N GLU A 197 -12.77 -13.33 -2.21
CA GLU A 197 -12.34 -14.13 -3.33
C GLU A 197 -10.82 -14.38 -3.22
N LEU A 198 -10.05 -13.37 -2.80
CA LEU A 198 -8.59 -13.58 -2.59
C LEU A 198 -8.40 -14.72 -1.61
N ALA A 199 -9.08 -14.69 -0.46
CA ALA A 199 -8.96 -15.78 0.51
C ALA A 199 -9.34 -17.16 -0.03
N ALA A 200 -10.43 -17.21 -0.82
CA ALA A 200 -10.91 -18.44 -1.40
C ALA A 200 -9.89 -18.99 -2.42
N ASN A 201 -9.09 -18.10 -3.05
CA ASN A 201 -8.02 -18.50 -3.97
C ASN A 201 -6.63 -18.69 -3.21
N ASP A 202 -6.67 -18.73 -1.89
CA ASP A 202 -5.46 -18.91 -1.06
C ASP A 202 -4.46 -17.77 -1.22
N ALA A 203 -5.00 -16.65 -1.63
CA ALA A 203 -4.32 -15.40 -1.72
C ALA A 203 -3.05 -15.39 -2.58
N HIS A 204 -3.09 -16.10 -3.70
CA HIS A 204 -2.06 -15.97 -4.74
C HIS A 204 -1.89 -14.55 -5.42
N ALA A 205 -2.95 -13.84 -5.63
CA ALA A 205 -2.80 -12.47 -6.17
C ALA A 205 -1.91 -12.40 -7.45
N PRO A 206 -2.25 -13.19 -8.48
CA PRO A 206 -1.52 -13.05 -9.76
C PRO A 206 -1.79 -11.70 -10.39
N PHE A 207 -0.95 -11.35 -11.36
CA PHE A 207 -1.20 -10.21 -12.21
C PHE A 207 -2.59 -10.41 -12.80
N ALA A 208 -3.37 -9.35 -12.79
CA ALA A 208 -4.81 -9.44 -13.07
C ALA A 208 -5.14 -9.05 -14.48
N ILE A 209 -6.25 -9.61 -14.95
CA ILE A 209 -6.74 -9.35 -16.32
C ILE A 209 -8.01 -8.56 -16.40
N ASP A 210 -8.34 -7.91 -15.29
CA ASP A 210 -9.40 -6.93 -15.24
C ASP A 210 -9.05 -5.94 -14.15
N THR A 211 -9.46 -4.67 -14.32
CA THR A 211 -8.97 -3.62 -13.45
C THR A 211 -9.38 -3.79 -11.96
N PRO A 212 -10.63 -4.16 -11.65
CA PRO A 212 -10.93 -4.37 -10.21
C PRO A 212 -10.02 -5.39 -9.51
N HIS A 213 -9.74 -6.49 -10.18
CA HIS A 213 -8.82 -7.46 -9.62
C HIS A 213 -7.39 -6.95 -9.59
N ALA A 214 -7.01 -6.06 -10.51
CA ALA A 214 -5.67 -5.50 -10.42
C ALA A 214 -5.51 -4.67 -9.13
N LEU A 215 -6.58 -3.97 -8.80
CA LEU A 215 -6.56 -3.18 -7.51
C LEU A 215 -6.44 -4.11 -6.31
N SER A 216 -7.28 -5.15 -6.26
CA SER A 216 -7.30 -6.04 -5.08
C SER A 216 -6.00 -6.81 -4.94
N ALA A 217 -5.50 -7.34 -6.06
CA ALA A 217 -4.24 -8.07 -6.04
C ALA A 217 -3.04 -7.15 -5.77
N GLY A 218 -3.04 -5.92 -6.32
CA GLY A 218 -1.93 -5.03 -6.07
C GLY A 218 -1.87 -4.62 -4.61
N CYS A 219 -3.03 -4.38 -4.01
CA CYS A 219 -3.11 -4.02 -2.60
C CYS A 219 -2.69 -5.18 -1.69
N LEU A 220 -3.06 -6.40 -2.07
CA LEU A 220 -2.63 -7.60 -1.33
CA LEU A 220 -2.63 -7.59 -1.32
C LEU A 220 -1.11 -7.76 -1.45
N GLN A 221 -0.57 -7.58 -2.66
CA GLN A 221 0.85 -7.67 -2.86
C GLN A 221 1.62 -6.63 -2.06
N ALA A 222 1.09 -5.40 -1.97
CA ALA A 222 1.71 -4.36 -1.12
C ALA A 222 1.75 -4.74 0.33
N GLN A 223 0.65 -5.26 0.86
CA GLN A 223 0.61 -5.67 2.28
C GLN A 223 1.60 -6.81 2.56
N ALA A 224 1.51 -7.89 1.79
CA ALA A 224 2.42 -9.01 1.97
C ALA A 224 3.87 -8.61 1.71
N GLY A 225 4.13 -7.80 0.70
CA GLY A 225 5.48 -7.36 0.38
C GLY A 225 6.10 -6.49 1.46
N LEU A 226 5.28 -5.61 2.06
CA LEU A 226 5.70 -4.80 3.20
C LEU A 226 6.19 -5.69 4.32
N ILE A 227 5.36 -6.62 4.72
CA ILE A 227 5.63 -7.47 5.89
C ILE A 227 6.83 -8.36 5.65
N GLU A 228 6.88 -8.95 4.47
CA GLU A 228 7.99 -9.86 4.14
C GLU A 228 9.31 -9.13 4.04
N ARG A 229 9.35 -7.99 3.36
CA ARG A 229 10.55 -7.17 3.27
C ARG A 229 11.03 -6.75 4.66
N ALA A 230 10.13 -6.23 5.48
CA ALA A 230 10.51 -5.77 6.81
C ALA A 230 11.09 -6.91 7.64
N TRP A 231 10.50 -8.07 7.57
CA TRP A 231 11.00 -9.23 8.33
C TRP A 231 12.38 -9.64 7.89
N ARG A 232 12.56 -9.78 6.56
CA ARG A 232 13.87 -10.23 6.07
C ARG A 232 14.96 -9.26 6.42
N ASP A 233 14.65 -7.97 6.28
CA ASP A 233 15.66 -6.96 6.57
C ASP A 233 15.96 -6.89 8.06
N LEU A 234 14.97 -7.13 8.93
CA LEU A 234 15.22 -7.12 10.36
C LEU A 234 16.12 -8.30 10.79
N GLU A 235 15.90 -9.47 10.21
CA GLU A 235 16.84 -10.58 10.51
C GLU A 235 18.29 -10.23 10.10
N LYS A 236 18.43 -9.60 8.95
CA LYS A 236 19.75 -9.22 8.46
C LYS A 236 20.36 -8.12 9.32
N ALA A 237 19.53 -7.21 9.82
CA ALA A 237 20.03 -6.09 10.65
C ALA A 237 20.45 -6.56 12.04
N TRP A 238 19.60 -7.40 12.66
CA TRP A 238 19.83 -7.83 14.00
C TRP A 238 20.72 -9.12 14.10
N LYS A 239 20.90 -9.82 12.98
CA LYS A 239 21.73 -11.04 12.98
C LYS A 239 21.32 -12.06 14.02
N ALA A 240 20.02 -12.36 14.02
CA ALA A 240 19.50 -13.42 14.85
C ALA A 240 18.09 -13.72 14.40
N PRO A 241 17.54 -14.86 14.82
CA PRO A 241 16.21 -15.14 14.31
C PRO A 241 15.17 -14.14 14.81
N VAL A 242 14.20 -13.82 13.96
CA VAL A 242 13.13 -12.91 14.36
C VAL A 242 11.80 -13.62 14.14
N ARG A 243 10.95 -13.63 15.14
CA ARG A 243 9.60 -14.19 15.02
C ARG A 243 8.66 -13.08 14.56
N LEU A 244 7.99 -13.33 13.44
CA LEU A 244 6.90 -12.48 12.96
C LEU A 244 5.63 -12.86 13.69
N VAL A 245 5.09 -11.91 14.46
CA VAL A 245 3.92 -12.14 15.26
C VAL A 245 2.78 -11.30 14.65
N LEU A 246 1.67 -11.97 14.38
CA LEU A 246 0.46 -11.38 13.80
C LEU A 246 -0.58 -11.08 14.87
N SER A 247 -1.03 -9.83 14.91
CA SER A 247 -1.93 -9.35 15.98
C SER A 247 -3.08 -8.56 15.34
N GLY A 248 -4.14 -8.34 16.11
CA GLY A 248 -5.28 -7.55 15.67
C GLY A 248 -6.30 -8.28 14.79
N GLY A 249 -6.69 -7.70 13.67
CA GLY A 249 -7.67 -8.34 12.80
C GLY A 249 -7.20 -9.65 12.16
N ALA A 250 -8.15 -10.47 11.73
CA ALA A 250 -7.83 -11.80 11.12
C ALA A 250 -6.98 -11.68 9.85
N ALA A 251 -7.32 -10.69 9.02
CA ALA A 251 -6.62 -10.46 7.77
C ALA A 251 -6.33 -11.79 7.04
N ASP A 252 -7.37 -12.59 6.83
CA ASP A 252 -7.20 -13.93 6.33
C ASP A 252 -6.43 -14.02 4.98
N ALA A 253 -6.80 -13.17 4.03
CA ALA A 253 -6.12 -13.16 2.74
C ALA A 253 -4.66 -12.77 2.95
N ILE A 254 -4.40 -11.76 3.74
CA ILE A 254 -3.01 -11.32 3.93
C ILE A 254 -2.21 -12.48 4.55
N VAL A 255 -2.75 -13.12 5.58
CA VAL A 255 -2.05 -14.20 6.29
C VAL A 255 -1.73 -15.37 5.38
N ARG A 256 -2.71 -15.73 4.55
CA ARG A 256 -2.51 -16.76 3.57
C ARG A 256 -1.47 -16.46 2.49
N ALA A 257 -1.32 -15.19 2.15
CA ALA A 257 -0.37 -14.76 1.12
C ALA A 257 1.08 -14.90 1.61
N LEU A 258 1.30 -14.71 2.90
CA LEU A 258 2.68 -14.66 3.37
C LEU A 258 3.44 -15.92 3.06
N THR A 259 4.69 -15.74 2.61
CA THR A 259 5.58 -16.85 2.34
C THR A 259 6.64 -17.04 3.42
N VAL A 260 6.55 -16.24 4.48
CA VAL A 260 7.53 -16.28 5.57
C VAL A 260 6.79 -16.85 6.78
N PRO A 261 7.51 -17.44 7.69
CA PRO A 261 6.82 -18.04 8.84
C PRO A 261 6.24 -16.96 9.75
N HIS A 262 5.18 -17.32 10.43
CA HIS A 262 4.46 -16.39 11.31
C HIS A 262 3.68 -17.09 12.41
N THR A 263 3.48 -16.35 13.50
CA THR A 263 2.76 -16.81 14.67
C THR A 263 1.65 -15.85 14.99
N ARG A 264 0.42 -16.32 15.10
CA ARG A 264 -0.68 -15.45 15.48
C ARG A 264 -0.83 -15.40 17.00
N HIS A 265 -1.04 -14.21 17.55
CA HIS A 265 -1.39 -14.05 18.94
C HIS A 265 -2.51 -13.03 19.03
N ASP A 266 -3.66 -13.46 19.57
CA ASP A 266 -4.84 -12.62 19.55
C ASP A 266 -5.06 -11.78 20.80
N THR A 267 -4.24 -11.92 21.82
CA THR A 267 -4.50 -11.16 23.03
C THR A 267 -3.27 -10.38 23.58
N LEU A 268 -2.40 -9.91 22.69
CA LEU A 268 -1.20 -9.18 23.18
C LEU A 268 -1.55 -7.98 24.06
N VAL A 269 -2.56 -7.21 23.68
CA VAL A 269 -2.89 -6.02 24.41
C VAL A 269 -3.45 -6.34 25.79
N LEU A 270 -4.41 -7.26 25.84
CA LEU A 270 -4.94 -7.68 27.14
C LEU A 270 -3.91 -8.35 28.02
N THR A 271 -3.02 -9.14 27.42
CA THR A 271 -1.92 -9.72 28.17
C THR A 271 -1.03 -8.68 28.77
N GLY A 272 -0.68 -7.66 27.99
CA GLY A 272 0.11 -6.57 28.49
C GLY A 272 -0.55 -5.80 29.63
N LEU A 273 -1.86 -5.59 29.50
CA LEU A 273 -2.63 -4.97 30.57
C LEU A 273 -2.63 -5.80 31.85
N ALA A 274 -2.70 -7.12 31.73
CA ALA A 274 -2.63 -8.02 32.92
C ALA A 274 -1.30 -7.86 33.61
N LEU A 275 -0.25 -7.78 32.81
CA LEU A 275 1.07 -7.65 33.36
C LEU A 275 1.23 -6.32 34.11
N ILE A 276 0.78 -5.23 33.48
CA ILE A 276 0.80 -3.96 34.12
C ILE A 276 0.01 -4.01 35.43
N ALA A 277 -1.18 -4.57 35.39
CA ALA A 277 -2.04 -4.64 36.59
C ALA A 277 -1.48 -5.43 37.74
N HIS A 278 -0.76 -6.51 37.44
CA HIS A 278 -0.19 -7.34 38.45
C HIS A 278 1.28 -7.06 38.74
N SER A 279 1.83 -5.97 38.21
CA SER A 279 3.21 -5.60 38.45
C SER A 279 3.34 -4.96 39.82
N ALA A 280 4.56 -4.99 40.36
CA ALA A 280 4.83 -4.58 41.75
C ALA A 280 4.37 -3.17 42.02
N GLY B 24 5.71 12.06 -44.95
CA GLY B 24 6.55 11.26 -44.03
C GLY B 24 6.13 11.32 -42.57
N VAL B 25 6.14 12.52 -42.00
CA VAL B 25 6.07 12.67 -40.55
C VAL B 25 4.65 12.48 -39.96
N CYS B 26 4.61 11.91 -38.75
CA CYS B 26 3.38 11.63 -38.04
C CYS B 26 3.37 12.42 -36.74
N LEU B 27 2.24 13.08 -36.44
CA LEU B 27 2.08 13.76 -35.15
C LEU B 27 1.50 12.77 -34.13
N LEU B 28 2.14 12.71 -32.97
CA LEU B 28 1.78 11.73 -31.93
C LEU B 28 1.38 12.53 -30.70
N ILE B 29 0.21 12.23 -30.14
CA ILE B 29 -0.31 12.95 -28.98
C ILE B 29 -0.61 11.96 -27.86
N ASP B 30 -0.02 12.20 -26.67
CA ASP B 30 -0.17 11.36 -25.45
C ASP B 30 -0.79 12.30 -24.39
N ALA B 31 -2.11 12.32 -24.35
CA ALA B 31 -2.86 13.13 -23.40
C ALA B 31 -3.20 12.32 -22.17
N GLY B 32 -2.61 12.72 -21.04
CA GLY B 32 -2.82 12.04 -19.78
C GLY B 32 -3.51 12.94 -18.81
N ASN B 33 -3.58 12.49 -17.56
CA ASN B 33 -4.28 13.25 -16.56
C ASN B 33 -3.60 14.59 -16.29
N SER B 34 -2.27 14.65 -16.32
CA SER B 34 -1.64 15.91 -15.87
C SER B 34 -1.44 16.92 -16.98
N ARG B 35 -1.03 16.47 -18.16
CA ARG B 35 -0.83 17.38 -19.29
C ARG B 35 -0.81 16.60 -20.61
N ILE B 36 -0.51 17.28 -21.70
CA ILE B 36 -0.48 16.63 -22.99
C ILE B 36 0.92 16.65 -23.53
N LYS B 37 1.46 15.45 -23.83
CA LYS B 37 2.79 15.33 -24.42
C LYS B 37 2.62 15.03 -25.88
N TRP B 38 3.59 15.43 -26.69
CA TRP B 38 3.46 15.19 -28.12
C TRP B 38 4.81 14.98 -28.75
N ALA B 39 4.80 14.38 -29.94
CA ALA B 39 6.03 14.22 -30.71
C ALA B 39 5.71 14.23 -32.19
N LEU B 40 6.70 14.61 -32.99
CA LEU B 40 6.62 14.48 -34.40
C LEU B 40 7.66 13.45 -34.80
N ALA B 41 7.22 12.35 -35.39
CA ALA B 41 8.09 11.22 -35.67
C ALA B 41 8.22 11.00 -37.18
N ASP B 42 9.45 10.83 -37.68
CA ASP B 42 9.63 10.57 -39.11
C ASP B 42 9.91 9.14 -39.50
N THR B 43 10.97 8.58 -38.93
CA THR B 43 11.45 7.23 -39.30
C THR B 43 11.49 6.35 -38.06
N GLY B 44 10.76 5.25 -38.13
CA GLY B 44 10.56 4.37 -36.98
C GLY B 44 10.23 5.15 -35.73
N ARG B 45 11.02 4.95 -34.67
CA ARG B 45 10.66 5.53 -33.38
C ARG B 45 11.35 6.88 -33.17
N HIS B 46 12.17 7.33 -34.12
CA HIS B 46 12.90 8.60 -34.02
C HIS B 46 11.96 9.82 -34.05
N PHE B 47 12.23 10.81 -33.19
CA PHE B 47 11.41 12.00 -33.09
C PHE B 47 12.19 13.19 -33.64
N VAL B 48 11.56 13.91 -34.56
CA VAL B 48 12.10 15.14 -35.10
C VAL B 48 12.12 16.18 -34.00
N THR B 49 11.05 16.23 -33.25
CA THR B 49 10.99 17.07 -32.09
C THR B 49 9.84 16.59 -31.21
N SER B 50 9.75 17.14 -30.02
CA SER B 50 8.72 16.76 -29.06
C SER B 50 8.54 17.86 -28.03
N GLY B 51 7.45 17.79 -27.29
CA GLY B 51 7.18 18.78 -26.27
C GLY B 51 5.96 18.42 -25.49
N ALA B 52 5.42 19.42 -24.81
CA ALA B 52 4.27 19.22 -23.95
C ALA B 52 3.53 20.52 -23.73
N PHE B 53 2.27 20.40 -23.34
CA PHE B 53 1.50 21.56 -22.95
C PHE B 53 0.44 21.21 -21.94
N GLU B 54 0.10 22.21 -21.13
CA GLU B 54 -0.93 22.03 -20.12
C GLU B 54 -2.27 21.92 -20.85
N HIS B 55 -3.25 21.39 -20.16
CA HIS B 55 -4.57 21.16 -20.74
C HIS B 55 -5.29 22.45 -21.13
N ALA B 56 -4.94 23.55 -20.48
CA ALA B 56 -5.50 24.83 -20.85
C ALA B 56 -4.45 25.92 -20.94
N ASP B 57 -4.77 26.94 -21.75
CA ASP B 57 -4.01 28.16 -21.86
C ASP B 57 -2.68 28.07 -22.64
N ASP B 58 -1.92 27.00 -22.49
CA ASP B 58 -0.70 26.82 -23.29
C ASP B 58 -1.10 26.46 -24.70
N THR B 59 -0.28 26.90 -25.66
CA THR B 59 -0.40 26.50 -27.04
C THR B 59 0.99 25.99 -27.43
N PRO B 60 1.05 24.81 -28.07
CA PRO B 60 2.34 24.35 -28.55
C PRO B 60 2.78 25.18 -29.76
N ASP B 61 4.11 25.32 -29.95
CA ASP B 61 4.67 26.13 -31.05
C ASP B 61 4.76 25.23 -32.28
N TRP B 62 3.61 24.94 -32.86
CA TRP B 62 3.52 24.01 -33.98
C TRP B 62 3.58 24.75 -35.33
N SER B 63 3.64 26.09 -35.30
CA SER B 63 3.79 26.89 -36.52
C SER B 63 5.07 26.54 -37.29
N THR B 64 6.09 26.12 -36.55
CA THR B 64 7.40 25.81 -37.11
C THR B 64 7.49 24.42 -37.72
N LEU B 65 6.59 23.51 -37.34
CA LEU B 65 6.70 22.10 -37.73
C LEU B 65 6.45 21.86 -39.20
N PRO B 66 7.13 20.87 -39.80
CA PRO B 66 6.69 20.41 -41.12
C PRO B 66 5.32 19.75 -41.03
N ALA B 67 4.49 19.91 -42.06
CA ALA B 67 3.12 19.40 -42.00
C ALA B 67 3.14 17.87 -41.88
N PRO B 68 2.38 17.33 -40.90
CA PRO B 68 2.29 15.89 -40.75
C PRO B 68 1.30 15.25 -41.70
N ARG B 69 1.47 13.94 -41.94
CA ARG B 69 0.57 13.14 -42.78
C ARG B 69 -0.75 12.81 -42.05
N GLY B 70 -0.65 12.74 -40.71
CA GLY B 70 -1.77 12.35 -39.86
C GLY B 70 -1.39 12.52 -38.41
N ALA B 71 -2.38 12.40 -37.53
CA ALA B 71 -2.14 12.39 -36.12
C ALA B 71 -2.67 11.11 -35.47
N TRP B 72 -1.92 10.62 -34.50
CA TRP B 72 -2.31 9.44 -33.70
C TRP B 72 -2.37 9.86 -32.26
N ILE B 73 -3.54 9.69 -31.67
CA ILE B 73 -3.88 10.26 -30.37
C ILE B 73 -4.22 9.18 -29.33
N SER B 74 -3.49 9.16 -28.23
CA SER B 74 -3.91 8.47 -27.00
C SER B 74 -4.43 9.54 -26.11
N ASN B 75 -5.69 9.41 -25.69
CA ASN B 75 -6.28 10.35 -24.76
C ASN B 75 -7.03 9.61 -23.66
N VAL B 76 -6.51 9.70 -22.45
CA VAL B 76 -7.18 9.21 -21.28
C VAL B 76 -7.69 10.35 -20.41
N ALA B 77 -7.65 11.58 -20.92
CA ALA B 77 -7.98 12.77 -20.12
C ALA B 77 -9.43 13.25 -20.26
N GLY B 78 -10.22 12.64 -21.14
CA GLY B 78 -11.63 12.95 -21.27
C GLY B 78 -11.97 13.87 -22.44
N ASP B 79 -13.24 14.27 -22.51
CA ASP B 79 -13.80 14.94 -23.69
C ASP B 79 -13.35 16.39 -23.91
N ALA B 80 -13.15 17.14 -22.83
CA ALA B 80 -12.65 18.50 -22.97
C ALA B 80 -11.24 18.47 -23.56
N ALA B 81 -10.40 17.53 -23.12
CA ALA B 81 -9.09 17.35 -23.69
C ALA B 81 -9.17 16.93 -25.15
N ALA B 82 -10.12 16.04 -25.49
CA ALA B 82 -10.31 15.66 -26.88
C ALA B 82 -10.60 16.87 -27.74
N ALA B 83 -11.50 17.74 -27.26
CA ALA B 83 -11.85 18.95 -28.01
C ALA B 83 -10.66 19.90 -28.17
N ARG B 84 -9.88 20.07 -27.11
CA ARG B 84 -8.70 20.92 -27.17
C ARG B 84 -7.70 20.42 -28.23
N ILE B 85 -7.49 19.12 -28.24
CA ILE B 85 -6.58 18.49 -29.19
C ILE B 85 -7.02 18.71 -30.64
N ASP B 86 -8.29 18.44 -30.92
CA ASP B 86 -8.85 18.70 -32.23
C ASP B 86 -8.72 20.18 -32.64
N ALA B 87 -8.96 21.09 -31.69
CA ALA B 87 -8.86 22.52 -31.96
C ALA B 87 -7.44 22.90 -32.37
N LEU B 88 -6.45 22.37 -31.64
CA LEU B 88 -5.05 22.64 -31.96
C LEU B 88 -4.65 22.04 -33.31
N ILE B 89 -5.11 20.82 -33.59
CA ILE B 89 -4.79 20.18 -34.86
C ILE B 89 -5.38 20.96 -36.03
N ASP B 90 -6.66 21.28 -35.95
CA ASP B 90 -7.33 21.94 -37.07
C ASP B 90 -6.95 23.39 -37.27
N ALA B 91 -6.48 24.03 -36.21
CA ALA B 91 -5.94 25.40 -36.34
C ALA B 91 -4.66 25.43 -37.15
N HIS B 92 -3.91 24.33 -37.19
CA HIS B 92 -2.65 24.25 -37.94
C HIS B 92 -2.75 23.52 -39.27
N TRP B 93 -3.49 22.42 -39.28
CA TRP B 93 -3.61 21.56 -40.45
C TRP B 93 -5.08 21.17 -40.55
N PRO B 94 -5.90 22.07 -41.10
CA PRO B 94 -7.33 21.83 -41.17
C PRO B 94 -7.67 20.49 -41.79
N ALA B 95 -8.54 19.74 -41.12
CA ALA B 95 -9.02 18.45 -41.60
C ALA B 95 -7.93 17.36 -41.68
N LEU B 96 -6.83 17.54 -40.94
CA LEU B 96 -5.77 16.51 -40.89
C LEU B 96 -6.37 15.16 -40.52
N PRO B 97 -6.00 14.08 -41.23
CA PRO B 97 -6.46 12.75 -40.82
C PRO B 97 -5.95 12.47 -39.40
N ARG B 98 -6.80 11.86 -38.59
CA ARG B 98 -6.38 11.50 -37.24
C ARG B 98 -7.01 10.21 -36.78
N THR B 99 -6.32 9.54 -35.88
CA THR B 99 -6.74 8.23 -35.38
C THR B 99 -6.68 8.26 -33.85
N VAL B 100 -7.81 7.94 -33.21
CA VAL B 100 -7.85 7.87 -31.76
C VAL B 100 -7.50 6.43 -31.39
N VAL B 101 -6.35 6.28 -30.73
CA VAL B 101 -5.83 4.97 -30.39
C VAL B 101 -6.63 4.35 -29.24
N ARG B 102 -6.97 3.07 -29.37
CA ARG B 102 -7.63 2.36 -28.29
C ARG B 102 -6.98 0.98 -28.14
N ALA B 103 -6.97 0.48 -26.92
CA ALA B 103 -6.46 -0.87 -26.71
C ALA B 103 -7.32 -1.86 -27.49
N CYS B 104 -6.68 -2.87 -28.05
CA CYS B 104 -7.36 -3.90 -28.82
C CYS B 104 -6.74 -5.25 -28.52
N ALA B 105 -7.14 -6.29 -29.25
CA ALA B 105 -6.68 -7.62 -28.93
C ALA B 105 -5.19 -7.87 -29.22
N ALA B 106 -4.65 -7.25 -30.26
CA ALA B 106 -3.28 -7.49 -30.71
C ALA B 106 -2.86 -6.37 -31.65
N GLN B 107 -1.66 -5.85 -31.46
CA GLN B 107 -1.16 -4.82 -32.34
C GLN B 107 0.35 -4.68 -32.12
N CYS B 108 1.06 -4.49 -33.21
CA CYS B 108 2.51 -4.22 -33.13
C CYS B 108 3.28 -5.20 -32.26
N GLY B 109 2.99 -6.48 -32.40
CA GLY B 109 3.73 -7.53 -31.69
C GLY B 109 3.28 -7.84 -30.27
N VAL B 110 2.36 -7.05 -29.74
CA VAL B 110 1.81 -7.24 -28.40
C VAL B 110 0.44 -7.87 -28.48
N THR B 111 0.17 -8.82 -27.58
CA THR B 111 -1.12 -9.44 -27.49
C THR B 111 -1.72 -9.05 -26.16
N ASN B 112 -2.95 -8.59 -26.18
CA ASN B 112 -3.62 -8.08 -24.98
C ASN B 112 -4.27 -9.20 -24.21
N GLY B 113 -3.76 -9.49 -23.02
CA GLY B 113 -4.32 -10.50 -22.16
C GLY B 113 -5.49 -10.07 -21.29
N TYR B 114 -5.88 -8.80 -21.35
CA TYR B 114 -7.07 -8.38 -20.59
C TYR B 114 -8.31 -9.15 -21.02
N ALA B 115 -9.12 -9.53 -20.04
CA ALA B 115 -10.37 -10.26 -20.36
C ALA B 115 -11.27 -9.48 -21.32
N GLU B 116 -11.29 -8.15 -21.19
CA GLU B 116 -11.96 -7.26 -22.12
CA GLU B 116 -11.97 -7.26 -22.15
C GLU B 116 -10.90 -6.27 -22.61
N PRO B 117 -10.22 -6.60 -23.73
CA PRO B 117 -9.08 -5.80 -24.15
C PRO B 117 -9.30 -4.30 -24.15
N ALA B 118 -10.48 -3.86 -24.55
CA ALA B 118 -10.78 -2.45 -24.63
C ALA B 118 -10.86 -1.73 -23.32
N ARG B 119 -10.91 -2.44 -22.20
CA ARG B 119 -10.91 -1.82 -20.91
C ARG B 119 -9.55 -1.39 -20.47
N LEU B 120 -8.51 -1.85 -21.16
CA LEU B 120 -7.17 -1.39 -20.85
C LEU B 120 -7.01 0.03 -21.34
N GLY B 121 -6.37 0.88 -20.55
CA GLY B 121 -6.15 2.26 -21.01
C GLY B 121 -5.29 2.37 -22.27
N SER B 122 -5.63 3.31 -23.17
CA SER B 122 -4.88 3.48 -24.42
C SER B 122 -3.41 3.86 -24.19
N ASP B 123 -3.14 4.62 -23.14
CA ASP B 123 -1.79 4.97 -22.74
C ASP B 123 -1.00 3.74 -22.34
N ARG B 124 -1.63 2.86 -21.57
CA ARG B 124 -1.00 1.60 -21.15
C ARG B 124 -0.70 0.74 -22.35
N TRP B 125 -1.67 0.62 -23.26
CA TRP B 125 -1.47 -0.11 -24.52
C TRP B 125 -0.30 0.39 -25.37
N ALA B 126 -0.25 1.71 -25.62
CA ALA B 126 0.83 2.27 -26.41
C ALA B 126 2.16 2.02 -25.71
N GLY B 127 2.16 2.15 -24.40
CA GLY B 127 3.37 1.95 -23.61
C GLY B 127 3.88 0.50 -23.67
N LEU B 128 2.98 -0.43 -23.69
CA LEU B 128 3.35 -1.84 -23.82
C LEU B 128 4.01 -2.11 -25.18
N ILE B 129 3.39 -1.57 -26.22
CA ILE B 129 3.96 -1.63 -27.55
C ILE B 129 5.36 -0.98 -27.59
N GLY B 130 5.52 0.20 -27.00
CA GLY B 130 6.84 0.83 -26.98
C GLY B 130 7.87 0.00 -26.22
N ALA B 131 7.46 -0.59 -25.10
CA ALA B 131 8.34 -1.41 -24.30
C ALA B 131 8.80 -2.68 -25.02
N HIS B 132 7.86 -3.33 -25.68
CA HIS B 132 8.14 -4.55 -26.45
C HIS B 132 9.21 -4.27 -27.49
N ALA B 133 9.10 -3.13 -28.16
CA ALA B 133 10.06 -2.77 -29.18
C ALA B 133 11.41 -2.36 -28.58
N ALA B 134 11.39 -1.70 -27.42
CA ALA B 134 12.63 -1.19 -26.82
C ALA B 134 13.50 -2.28 -26.26
N PHE B 135 12.87 -3.38 -25.82
CA PHE B 135 13.54 -4.51 -25.15
C PHE B 135 13.12 -5.82 -25.79
N PRO B 136 13.53 -6.01 -27.05
CA PRO B 136 13.08 -7.21 -27.76
C PRO B 136 13.54 -8.53 -27.10
N GLY B 137 12.65 -9.51 -27.07
CA GLY B 137 12.94 -10.82 -26.53
C GLY B 137 12.99 -10.90 -25.02
N GLU B 138 12.65 -9.82 -24.32
CA GLU B 138 12.79 -9.79 -22.87
C GLU B 138 11.44 -9.82 -22.19
N HIS B 139 11.41 -10.56 -21.07
CA HIS B 139 10.31 -10.41 -20.13
C HIS B 139 10.48 -9.13 -19.34
N LEU B 140 9.37 -8.38 -19.16
CA LEU B 140 9.40 -7.07 -18.52
C LEU B 140 8.37 -6.96 -17.38
N LEU B 141 8.77 -6.16 -16.37
CA LEU B 141 7.83 -5.67 -15.38
C LEU B 141 7.89 -4.16 -15.50
N ILE B 142 6.79 -3.55 -15.93
CA ILE B 142 6.80 -2.11 -16.22
C ILE B 142 6.09 -1.43 -15.07
N ALA B 143 6.79 -0.52 -14.43
CA ALA B 143 6.25 0.20 -13.27
C ALA B 143 6.08 1.66 -13.57
N THR B 144 4.88 2.19 -13.34
CA THR B 144 4.60 3.60 -13.50
C THR B 144 4.17 4.19 -12.19
N PHE B 145 4.83 5.27 -11.79
CA PHE B 145 4.56 5.91 -10.48
C PHE B 145 3.72 7.16 -10.65
N GLY B 146 2.42 7.03 -10.54
CA GLY B 146 1.55 8.14 -10.60
C GLY B 146 0.78 8.22 -9.32
N THR B 147 -0.45 8.73 -9.38
CA THR B 147 -1.29 8.77 -8.19
C THR B 147 -1.41 7.35 -7.63
N ALA B 148 -1.58 6.42 -8.54
CA ALA B 148 -1.45 4.98 -8.24
C ALA B 148 -0.08 4.50 -8.76
N THR B 149 0.40 3.43 -8.16
CA THR B 149 1.56 2.70 -8.69
C THR B 149 0.99 1.57 -9.53
N THR B 150 1.31 1.57 -10.84
CA THR B 150 0.78 0.56 -11.75
C THR B 150 1.93 -0.37 -12.19
N LEU B 151 1.71 -1.69 -12.15
CA LEU B 151 2.70 -2.65 -12.59
C LEU B 151 2.09 -3.45 -13.72
N GLU B 152 2.79 -3.61 -14.83
CA GLU B 152 2.30 -4.42 -15.93
C GLU B 152 3.34 -5.47 -16.28
N ALA B 153 2.87 -6.69 -16.51
CA ALA B 153 3.68 -7.82 -16.88
C ALA B 153 3.62 -8.02 -18.39
N LEU B 154 4.77 -7.98 -19.05
CA LEU B 154 4.84 -8.20 -20.50
C LEU B 154 5.83 -9.31 -20.79
N ARG B 155 5.32 -10.42 -21.31
CA ARG B 155 6.12 -11.60 -21.56
C ARG B 155 6.97 -11.37 -22.81
N ALA B 156 8.09 -12.08 -22.90
CA ALA B 156 9.03 -11.92 -24.01
C ALA B 156 8.43 -12.13 -25.39
N ASP B 157 7.40 -12.95 -25.48
CA ASP B 157 6.69 -13.17 -26.77
C ASP B 157 5.68 -12.06 -27.13
N GLY B 158 5.60 -11.04 -26.28
CA GLY B 158 4.70 -9.92 -26.49
C GLY B 158 3.36 -10.03 -25.80
N ARG B 159 3.13 -11.09 -25.03
CA ARG B 159 1.84 -11.18 -24.31
C ARG B 159 1.84 -10.30 -23.07
N PHE B 160 0.94 -9.32 -23.08
CA PHE B 160 0.61 -8.59 -21.86
C PHE B 160 -0.28 -9.47 -21.00
N THR B 161 0.26 -9.96 -19.89
CA THR B 161 -0.39 -10.99 -19.10
C THR B 161 -1.14 -10.45 -17.90
N GLY B 162 -1.04 -9.15 -17.62
CA GLY B 162 -1.86 -8.55 -16.58
C GLY B 162 -1.18 -7.43 -15.83
N GLY B 163 -1.92 -6.93 -14.83
CA GLY B 163 -1.50 -5.78 -14.05
C GLY B 163 -1.81 -5.88 -12.56
N LEU B 164 -1.09 -5.06 -11.80
CA LEU B 164 -1.33 -4.85 -10.38
C LEU B 164 -1.32 -3.33 -10.20
N ILE B 165 -2.22 -2.87 -9.35
CA ILE B 165 -2.34 -1.46 -9.00
C ILE B 165 -2.42 -1.33 -7.48
N ALA B 166 -1.62 -0.39 -6.94
CA ALA B 166 -1.69 0.00 -5.53
C ALA B 166 -1.65 1.52 -5.42
N PRO B 167 -2.11 2.07 -4.29
CA PRO B 167 -1.92 3.55 -4.18
C PRO B 167 -0.47 3.91 -4.24
N GLY B 168 -0.16 5.10 -4.78
CA GLY B 168 1.19 5.62 -4.70
C GLY B 168 1.52 6.12 -3.29
N TRP B 169 2.77 6.55 -3.11
CA TRP B 169 3.21 6.94 -1.78
C TRP B 169 2.36 8.09 -1.23
N ALA B 170 2.17 9.14 -2.03
CA ALA B 170 1.43 10.29 -1.54
C ALA B 170 0.00 9.94 -1.18
N LEU B 171 -0.60 9.07 -1.99
CA LEU B 171 -2.00 8.69 -1.75
C LEU B 171 -2.11 7.86 -0.48
N MSE B 172 -1.14 6.96 -0.27
CA MSE B 172 -1.09 6.18 0.98
C MSE B 172 -0.98 7.13 2.14
O MSE B 172 -1.70 7.01 3.12
CB MSE B 172 0.12 5.22 0.98
CG MSE B 172 -0.08 4.05 0.04
SE MSE B 172 1.47 2.83 0.32
CE MSE B 172 0.94 1.42 -0.94
N MSE B 173 -0.07 8.10 2.04
CA MSE B 173 0.09 9.08 3.13
C MSE B 173 -1.19 9.80 3.41
O MSE B 173 -1.56 9.98 4.57
CB MSE B 173 1.24 10.03 2.84
CG MSE B 173 2.58 9.32 2.81
SE MSE B 173 3.14 8.93 4.69
CE MSE B 173 3.64 10.75 5.21
N ARG B 174 -1.86 10.30 2.35
CA ARG B 174 -3.11 11.03 2.52
C ARG B 174 -4.13 10.14 3.25
N SER B 175 -4.22 8.88 2.84
CA SER B 175 -5.19 7.95 3.45
C SER B 175 -5.00 7.79 4.96
N LEU B 176 -3.77 7.93 5.41
CA LEU B 176 -3.41 7.85 6.84
C LEU B 176 -3.57 9.15 7.58
N GLY B 177 -4.00 10.18 6.88
CA GLY B 177 -4.29 11.49 7.48
C GLY B 177 -3.25 12.59 7.27
N MSE B 178 -2.22 12.31 6.45
CA MSE B 178 -1.11 13.24 6.26
C MSE B 178 -1.31 14.01 4.99
O MSE B 178 -0.82 13.59 3.92
CB MSE B 178 0.24 12.52 6.11
CG MSE B 178 0.65 11.68 7.32
SE MSE B 178 1.28 12.87 8.78
CE MSE B 178 3.15 13.04 8.22
N ALA B 191 5.06 16.36 4.34
CA ALA B 191 4.98 15.21 3.42
C ALA B 191 6.04 15.26 2.29
N THR B 192 6.23 16.42 1.66
CA THR B 192 7.34 16.63 0.69
C THR B 192 8.71 16.61 1.38
N SER B 193 8.80 17.30 2.51
CA SER B 193 10.00 17.22 3.35
C SER B 193 10.27 15.78 3.77
N LEU B 194 9.21 15.08 4.21
CA LEU B 194 9.39 13.66 4.64
C LEU B 194 9.94 12.80 3.50
N LEU B 195 9.43 13.03 2.30
CA LEU B 195 9.83 12.25 1.14
C LEU B 195 11.29 12.49 0.77
N ASP B 196 11.70 13.74 0.83
CA ASP B 196 13.12 14.07 0.63
C ASP B 196 13.98 13.43 1.71
N GLU B 197 13.52 13.45 2.95
CA GLU B 197 14.31 12.90 4.04
C GLU B 197 14.54 11.42 3.85
N LEU B 198 13.56 10.74 3.27
CA LEU B 198 13.70 9.29 3.05
C LEU B 198 14.85 8.87 2.11
N ALA B 199 15.14 9.71 1.12
CA ALA B 199 16.23 9.44 0.18
C ALA B 199 17.60 9.35 0.88
N ALA B 200 17.79 10.15 1.93
CA ALA B 200 19.04 10.21 2.73
C ALA B 200 19.26 9.03 3.68
N ASN B 201 18.18 8.30 3.97
CA ASN B 201 18.19 7.19 4.93
C ASN B 201 18.34 5.77 4.38
N ASP B 202 18.79 4.87 5.24
CA ASP B 202 18.93 3.44 4.95
C ASP B 202 17.57 2.76 4.83
N ALA B 203 17.20 2.40 3.61
CA ALA B 203 15.95 1.76 3.37
C ALA B 203 15.86 0.30 3.83
N HIS B 204 16.92 -0.27 4.39
CA HIS B 204 16.85 -1.63 4.94
C HIS B 204 17.00 -1.64 6.45
N ALA B 205 16.91 -0.46 7.07
CA ALA B 205 16.85 -0.24 8.52
C ALA B 205 15.88 0.94 8.74
N PRO B 206 14.59 0.73 8.47
CA PRO B 206 13.64 1.79 8.31
C PRO B 206 12.81 2.13 9.52
N PHE B 207 12.87 1.35 10.61
CA PHE B 207 11.97 1.57 11.73
C PHE B 207 12.22 2.96 12.34
N ALA B 208 11.13 3.68 12.59
CA ALA B 208 11.12 5.08 12.96
C ALA B 208 10.78 5.26 14.43
N ILE B 209 11.24 6.36 15.01
CA ILE B 209 11.06 6.62 16.43
C ILE B 209 10.10 7.79 16.69
N ASP B 210 9.32 8.16 15.65
CA ASP B 210 8.21 9.07 15.84
C ASP B 210 7.19 8.73 14.78
N THR B 211 5.94 9.10 15.02
CA THR B 211 4.84 8.64 14.17
C THR B 211 4.89 9.20 12.75
N PRO B 212 5.15 10.50 12.56
CA PRO B 212 5.29 10.94 11.19
C PRO B 212 6.31 10.18 10.32
N HIS B 213 7.48 9.91 10.87
CA HIS B 213 8.48 9.14 10.16
C HIS B 213 8.09 7.66 10.03
N ALA B 214 7.35 7.09 10.99
CA ALA B 214 6.90 5.71 10.84
C ALA B 214 5.92 5.61 9.64
N LEU B 215 5.07 6.62 9.48
CA LEU B 215 4.12 6.68 8.33
C LEU B 215 4.90 6.77 7.03
N SER B 216 5.83 7.73 6.95
CA SER B 216 6.55 7.94 5.70
C SER B 216 7.34 6.70 5.32
N ALA B 217 8.04 6.13 6.29
CA ALA B 217 8.85 4.94 6.04
C ALA B 217 7.99 3.72 5.75
N GLY B 218 6.86 3.57 6.44
CA GLY B 218 5.99 2.45 6.22
C GLY B 218 5.43 2.45 4.79
N CYS B 219 5.01 3.64 4.35
CA CYS B 219 4.47 3.80 2.99
C CYS B 219 5.57 3.52 1.96
N LEU B 220 6.79 3.98 2.24
CA LEU B 220 7.89 3.71 1.31
C LEU B 220 8.24 2.20 1.24
N GLN B 221 8.25 1.55 2.40
CA GLN B 221 8.52 0.13 2.44
C GLN B 221 7.45 -0.67 1.70
N ALA B 222 6.20 -0.24 1.78
CA ALA B 222 5.12 -0.85 1.02
C ALA B 222 5.33 -0.72 -0.50
N GLN B 223 5.78 0.44 -0.95
CA GLN B 223 6.05 0.61 -2.37
C GLN B 223 7.15 -0.30 -2.82
N ALA B 224 8.29 -0.25 -2.11
CA ALA B 224 9.42 -1.10 -2.50
C ALA B 224 9.08 -2.58 -2.38
N GLY B 225 8.35 -2.94 -1.34
CA GLY B 225 7.97 -4.33 -1.13
C GLY B 225 7.07 -4.89 -2.20
N LEU B 226 6.16 -4.07 -2.65
CA LEU B 226 5.26 -4.38 -3.74
C LEU B 226 6.04 -4.72 -5.01
N ILE B 227 6.92 -3.81 -5.38
CA ILE B 227 7.69 -3.97 -6.62
CA ILE B 227 7.68 -3.98 -6.61
C ILE B 227 8.54 -5.23 -6.55
N GLU B 228 9.25 -5.43 -5.44
CA GLU B 228 10.14 -6.53 -5.34
C GLU B 228 9.39 -7.88 -5.33
N ARG B 229 8.29 -7.94 -4.62
CA ARG B 229 7.48 -9.16 -4.57
C ARG B 229 6.92 -9.52 -5.97
N ALA B 230 6.41 -8.51 -6.67
CA ALA B 230 5.84 -8.72 -8.01
C ALA B 230 6.92 -9.20 -8.98
N TRP B 231 8.12 -8.62 -8.86
CA TRP B 231 9.22 -9.00 -9.72
C TRP B 231 9.64 -10.44 -9.48
N ARG B 232 9.80 -10.81 -8.21
CA ARG B 232 10.18 -12.18 -7.91
C ARG B 232 9.09 -13.15 -8.37
N ASP B 233 7.84 -12.76 -8.22
CA ASP B 233 6.75 -13.60 -8.68
C ASP B 233 6.83 -13.83 -10.19
N LEU B 234 7.14 -12.81 -10.98
CA LEU B 234 7.26 -13.01 -12.42
C LEU B 234 8.47 -13.86 -12.78
N GLU B 235 9.60 -13.66 -12.10
CA GLU B 235 10.77 -14.51 -12.40
C GLU B 235 10.44 -15.97 -12.08
N LYS B 236 9.68 -16.23 -11.02
CA LYS B 236 9.22 -17.59 -10.68
C LYS B 236 8.22 -18.16 -11.70
N ALA B 237 7.27 -17.34 -12.12
CA ALA B 237 6.20 -17.80 -13.01
C ALA B 237 6.78 -18.17 -14.37
N TRP B 238 7.69 -17.32 -14.84
CA TRP B 238 8.27 -17.47 -16.18
C TRP B 238 9.59 -18.26 -16.23
N LYS B 239 10.18 -18.55 -15.07
CA LYS B 239 11.44 -19.32 -14.98
C LYS B 239 12.50 -18.71 -15.86
N ALA B 240 12.60 -17.38 -15.76
CA ALA B 240 13.53 -16.66 -16.58
C ALA B 240 13.73 -15.25 -16.04
N PRO B 241 14.81 -14.57 -16.47
CA PRO B 241 15.05 -13.21 -16.01
C PRO B 241 13.98 -12.22 -16.45
N VAL B 242 13.67 -11.26 -15.58
CA VAL B 242 12.71 -10.19 -15.89
C VAL B 242 13.38 -8.82 -15.70
N ARG B 243 13.25 -7.93 -16.69
CA ARG B 243 13.73 -6.56 -16.55
C ARG B 243 12.66 -5.65 -15.95
N LEU B 244 13.02 -5.00 -14.86
CA LEU B 244 12.20 -3.97 -14.25
C LEU B 244 12.42 -2.65 -14.98
N VAL B 245 11.37 -2.16 -15.64
CA VAL B 245 11.40 -0.93 -16.38
C VAL B 245 10.56 0.13 -15.65
N LEU B 246 11.19 1.26 -15.37
CA LEU B 246 10.53 2.37 -14.73
C LEU B 246 10.06 3.33 -15.80
N SER B 247 8.76 3.47 -15.89
CA SER B 247 8.19 4.27 -16.97
C SER B 247 7.99 5.65 -16.43
N GLY B 248 8.84 6.56 -16.87
CA GLY B 248 8.86 7.90 -16.30
C GLY B 248 9.55 7.92 -14.94
N GLY B 249 9.35 9.04 -14.27
CA GLY B 249 10.04 9.32 -13.01
C GLY B 249 9.48 8.60 -11.79
N ALA B 250 10.33 8.47 -10.77
CA ALA B 250 9.94 7.92 -9.49
C ALA B 250 10.72 8.69 -8.48
N ALA B 251 10.17 8.85 -7.30
CA ALA B 251 10.90 9.51 -6.23
C ALA B 251 12.26 8.82 -6.05
N ASP B 252 13.30 9.63 -5.82
CA ASP B 252 14.62 9.10 -5.48
C ASP B 252 14.52 8.06 -4.34
N ALA B 253 13.66 8.32 -3.36
CA ALA B 253 13.57 7.41 -2.22
C ALA B 253 13.07 6.04 -2.64
N ILE B 254 12.07 5.96 -3.51
CA ILE B 254 11.54 4.66 -3.93
C ILE B 254 12.60 3.93 -4.73
N VAL B 255 13.22 4.66 -5.68
CA VAL B 255 14.18 4.02 -6.59
C VAL B 255 15.37 3.49 -5.80
N ARG B 256 15.85 4.29 -4.86
CA ARG B 256 16.96 3.93 -3.99
C ARG B 256 16.69 2.72 -3.08
N ALA B 257 15.44 2.56 -2.67
CA ALA B 257 15.05 1.50 -1.76
C ALA B 257 15.06 0.13 -2.43
N LEU B 258 14.91 0.11 -3.75
CA LEU B 258 14.86 -1.15 -4.46
C LEU B 258 16.15 -1.94 -4.45
N THR B 259 16.05 -3.25 -4.28
CA THR B 259 17.21 -4.15 -4.42
C THR B 259 17.24 -4.80 -5.78
N VAL B 260 16.22 -4.53 -6.58
CA VAL B 260 16.15 -5.03 -7.93
C VAL B 260 16.65 -3.92 -8.84
N PRO B 261 17.56 -4.25 -9.75
CA PRO B 261 18.04 -3.20 -10.65
C PRO B 261 16.95 -2.83 -11.62
N HIS B 262 17.00 -1.62 -12.13
CA HIS B 262 15.98 -1.14 -13.02
C HIS B 262 16.54 -0.38 -14.21
N THR B 263 15.71 -0.24 -15.22
CA THR B 263 16.02 0.53 -16.39
C THR B 263 14.94 1.60 -16.54
N ARG B 264 15.32 2.85 -16.65
CA ARG B 264 14.34 3.90 -16.86
C ARG B 264 14.08 4.16 -18.36
N HIS B 265 12.81 4.33 -18.74
CA HIS B 265 12.45 4.72 -20.09
C HIS B 265 11.32 5.73 -20.00
N ASP B 266 11.55 6.94 -20.49
CA ASP B 266 10.61 8.03 -20.30
C ASP B 266 9.64 8.27 -21.44
N THR B 267 9.75 7.53 -22.55
CA THR B 267 8.90 7.81 -23.67
C THR B 267 8.21 6.55 -24.24
N LEU B 268 7.90 5.59 -23.38
CA LEU B 268 7.23 4.40 -23.90
C LEU B 268 5.93 4.68 -24.66
N VAL B 269 5.09 5.57 -24.14
CA VAL B 269 3.79 5.82 -24.81
C VAL B 269 3.99 6.45 -26.18
N LEU B 270 4.78 7.53 -26.25
CA LEU B 270 5.01 8.19 -27.54
C LEU B 270 5.74 7.27 -28.52
N THR B 271 6.67 6.46 -28.02
CA THR B 271 7.36 5.47 -28.84
C THR B 271 6.36 4.44 -29.40
N GLY B 272 5.48 3.94 -28.54
CA GLY B 272 4.42 3.05 -28.99
C GLY B 272 3.52 3.65 -30.03
N LEU B 273 3.16 4.92 -29.83
CA LEU B 273 2.32 5.62 -30.78
C LEU B 273 3.01 5.75 -32.17
N ALA B 274 4.31 5.96 -32.17
CA ALA B 274 5.08 6.02 -33.42
C ALA B 274 4.99 4.67 -34.15
N LEU B 275 5.08 3.57 -33.40
CA LEU B 275 5.02 2.27 -34.01
C LEU B 275 3.62 2.00 -34.57
N ILE B 276 2.59 2.36 -33.81
CA ILE B 276 1.22 2.28 -34.29
C ILE B 276 1.02 3.11 -35.56
N ALA B 277 1.47 4.34 -35.54
CA ALA B 277 1.29 5.22 -36.68
C ALA B 277 1.91 4.62 -37.91
N HIS B 278 3.11 4.09 -37.80
CA HIS B 278 3.74 3.54 -39.00
C HIS B 278 3.22 2.16 -39.47
N SER B 279 2.42 1.48 -38.67
CA SER B 279 1.95 0.10 -38.93
C SER B 279 0.70 -0.03 -39.84
C1 EDO C . -7.32 9.39 0.63
O1 EDO C . -7.75 8.05 0.26
C2 EDO C . -8.20 10.14 1.65
O2 EDO C . -8.61 9.50 2.91
C1 EDO D . 4.65 2.25 16.50
O1 EDO D . 3.39 1.67 16.83
C2 EDO D . 4.53 2.86 15.12
O2 EDO D . 5.73 3.54 14.74
CL CL E . -19.16 -9.36 26.47
P PO4 F . -1.43 9.94 -12.58
O1 PO4 F . -1.82 10.46 -11.23
O2 PO4 F . -1.02 8.49 -12.47
O3 PO4 F . -2.59 10.04 -13.53
O4 PO4 F . -0.28 10.77 -13.14
C1 EDO G . -2.28 -14.43 -14.85
O1 EDO G . -1.37 -13.40 -14.38
C2 EDO G . -3.09 -13.96 -16.05
O2 EDO G . -2.25 -13.69 -17.17
C1 EDO H . 2.22 -14.88 -14.82
O1 EDO H . 1.29 -15.34 -13.81
C2 EDO H . 2.19 -13.36 -14.88
O2 EDO H . 1.07 -12.88 -15.56
C1 EDO I . -3.26 -2.26 -16.42
O1 EDO I . -2.65 -0.96 -16.63
C2 EDO I . -3.54 -2.47 -14.95
O2 EDO I . -4.14 -3.77 -14.74
C1 EDO J . 6.76 -7.79 -34.24
O1 EDO J . 7.27 -7.51 -32.92
C2 EDO J . 7.20 -9.17 -34.73
O2 EDO J . 8.61 -9.35 -34.55
#